data_1IDC
#
_entry.id   1IDC
#
_cell.length_a   105.100
_cell.length_b   105.100
_cell.length_c   150.300
_cell.angle_alpha   90.00
_cell.angle_beta   90.00
_cell.angle_gamma   90.00
#
_symmetry.space_group_name_H-M   'P 43 21 2'
#
loop_
_entity.id
_entity.type
_entity.pdbx_description
1 polymer 'ISOCITRATE DEHYDROGENASE'
2 non-polymer 'MAGNESIUM ION'
3 non-polymer '2-OXALOSUCCINIC ACID'
#
_entity_poly.entity_id   1
_entity_poly.type   'polypeptide(L)'
_entity_poly.pdbx_seq_one_letter_code
;MESKVVVPAQGKKITLQNGKLNVPENPIIPYIEGDGIGVDVTPAMLKVVDAAVEKAYKGERKISWMEIYTGEKSTQVYGQ
DVWLPAETLDLIREYRVAIKGPLTTPVGGGIRSLNVALRQELDLYICLRPVRYYQGTPSPVKHPELTDMVIFRENSEDIY
AGIEWKADSADAEKVIKFLREEMGVKKIRFPEHCGIGIKPCSEEGTKRLVRAAIEYAIANDRDSVTLVHMGNIMKFTEGA
FKDWGYQLAREEFGGELIDGGPWLKVKNPNTGKEIVIKDVIADAFLQQILLRPAEYDVIACMNLNGDYISDALAAQVGGI
GIAPGANIGDECALFEATHGTAPKYAGQDKVNPGSIILSAEMMLRHMGWTEAADLIVKGMEGAINAKTVTYDFERLMDGA
KLLKCSEFGDAIIENM
;
_entity_poly.pdbx_strand_id   A
#
# COMPACT_ATOMS: atom_id res chain seq x y z
N SER A 3 -15.35 -20.54 15.26
CA SER A 3 -15.62 -19.12 15.27
C SER A 3 -14.73 -18.77 16.46
N LYS A 4 -13.50 -18.28 16.22
CA LYS A 4 -12.52 -18.15 17.30
C LYS A 4 -11.91 -16.76 17.54
N VAL A 5 -12.49 -15.62 17.14
CA VAL A 5 -11.87 -14.34 17.52
C VAL A 5 -12.38 -13.88 18.89
N VAL A 6 -11.60 -13.32 19.83
CA VAL A 6 -12.13 -12.84 21.11
C VAL A 6 -12.09 -11.32 21.04
N VAL A 7 -13.35 -10.88 20.87
CA VAL A 7 -13.77 -9.49 20.87
C VAL A 7 -13.27 -8.77 22.12
N PRO A 8 -12.70 -7.56 22.10
CA PRO A 8 -12.60 -6.73 23.30
C PRO A 8 -14.02 -6.38 23.76
N ALA A 9 -14.30 -6.66 25.02
CA ALA A 9 -15.61 -6.39 25.59
C ALA A 9 -15.87 -4.92 25.80
N GLN A 10 -14.80 -4.19 26.11
CA GLN A 10 -14.85 -2.75 26.24
C GLN A 10 -14.48 -2.31 24.84
N GLY A 11 -15.21 -1.38 24.27
CA GLY A 11 -14.86 -0.91 22.97
C GLY A 11 -16.07 -0.97 22.09
N LYS A 12 -15.97 -0.17 21.04
CA LYS A 12 -17.00 0.01 20.05
C LYS A 12 -16.45 -0.08 18.63
N LYS A 13 -17.32 -0.39 17.69
CA LYS A 13 -16.91 -0.66 16.32
C LYS A 13 -16.75 0.66 15.61
N ILE A 14 -15.78 0.79 14.69
CA ILE A 14 -15.75 2.03 13.93
C ILE A 14 -17.06 2.00 13.10
N THR A 15 -17.64 3.18 12.93
CA THR A 15 -18.93 3.24 12.26
C THR A 15 -18.86 4.14 11.07
N LEU A 16 -19.65 3.86 10.05
CA LEU A 16 -19.65 4.69 8.88
C LEU A 16 -21.01 5.33 8.78
N GLN A 17 -20.88 6.64 8.83
CA GLN A 17 -21.99 7.53 8.65
C GLN A 17 -21.76 8.25 7.31
N ASN A 18 -22.42 7.65 6.33
CA ASN A 18 -22.46 8.04 4.91
C ASN A 18 -21.33 8.89 4.32
N GLY A 19 -20.19 8.22 4.14
CA GLY A 19 -19.01 8.89 3.62
C GLY A 19 -18.16 9.46 4.76
N LYS A 20 -18.51 9.19 6.01
CA LYS A 20 -17.71 9.59 7.16
C LYS A 20 -17.62 8.37 8.05
N LEU A 21 -16.48 8.32 8.74
CA LEU A 21 -16.29 7.33 9.76
C LEU A 21 -16.70 8.06 11.04
N ASN A 22 -17.11 7.23 11.98
CA ASN A 22 -17.55 7.64 13.29
C ASN A 22 -16.74 6.74 14.21
N VAL A 23 -15.63 7.38 14.64
CA VAL A 23 -14.66 6.74 15.52
C VAL A 23 -15.16 6.97 16.94
N PRO A 24 -15.37 5.90 17.68
CA PRO A 24 -15.53 6.01 19.10
C PRO A 24 -14.19 6.50 19.68
N GLU A 25 -14.31 6.81 20.95
CA GLU A 25 -13.18 7.12 21.78
C GLU A 25 -12.40 5.83 22.02
N ASN A 26 -13.13 4.71 22.04
CA ASN A 26 -12.48 3.42 22.20
C ASN A 26 -12.77 2.46 21.04
N PRO A 27 -12.19 2.60 19.83
CA PRO A 27 -12.49 1.75 18.71
C PRO A 27 -11.89 0.38 18.88
N ILE A 28 -12.58 -0.63 18.38
CA ILE A 28 -11.96 -1.93 18.23
C ILE A 28 -11.40 -1.94 16.81
N ILE A 29 -10.11 -2.27 16.84
CA ILE A 29 -9.34 -2.32 15.63
C ILE A 29 -8.80 -3.74 15.63
N PRO A 30 -9.22 -4.59 14.67
CA PRO A 30 -8.53 -5.84 14.34
C PRO A 30 -7.06 -5.69 13.86
N TYR A 31 -6.22 -6.64 14.24
CA TYR A 31 -4.89 -6.68 13.70
C TYR A 31 -4.62 -8.16 13.58
N ILE A 32 -4.04 -8.49 12.43
CA ILE A 32 -3.53 -9.79 12.04
C ILE A 32 -2.09 -9.62 12.50
N GLU A 33 -1.61 -10.54 13.34
CA GLU A 33 -0.21 -10.44 13.81
C GLU A 33 0.84 -10.54 12.71
N GLY A 34 0.71 -11.47 11.77
CA GLY A 34 1.62 -11.50 10.64
C GLY A 34 2.54 -12.69 10.78
N ASP A 35 2.84 -13.46 9.76
CA ASP A 35 3.73 -14.59 9.91
C ASP A 35 5.18 -14.14 9.98
N GLY A 36 6.07 -15.09 10.27
CA GLY A 36 7.52 -14.87 10.13
C GLY A 36 7.98 -13.85 11.15
N ILE A 37 8.40 -12.67 10.75
CA ILE A 37 8.82 -11.63 11.67
C ILE A 37 7.67 -10.78 12.13
N GLY A 38 6.47 -11.06 11.62
CA GLY A 38 5.25 -10.39 12.03
C GLY A 38 5.16 -10.33 13.55
N VAL A 39 5.71 -11.41 14.06
CA VAL A 39 5.86 -11.67 15.45
C VAL A 39 6.78 -10.64 16.10
N ASP A 40 7.74 -9.93 15.53
CA ASP A 40 8.48 -8.93 16.29
C ASP A 40 7.97 -7.50 16.09
N VAL A 41 7.59 -7.24 14.85
CA VAL A 41 7.19 -5.90 14.52
C VAL A 41 5.82 -5.63 15.10
N THR A 42 4.84 -6.52 14.97
CA THR A 42 3.50 -6.21 15.42
C THR A 42 3.48 -5.81 16.88
N PRO A 43 4.19 -6.38 17.84
CA PRO A 43 4.29 -5.85 19.18
C PRO A 43 4.93 -4.47 19.19
N ALA A 44 6.11 -4.25 18.54
CA ALA A 44 6.77 -2.96 18.51
C ALA A 44 5.73 -2.01 17.97
N MET A 45 4.79 -2.39 17.13
CA MET A 45 3.82 -1.42 16.68
C MET A 45 2.75 -1.21 17.75
N LEU A 46 2.24 -2.25 18.41
CA LEU A 46 1.16 -2.17 19.37
C LEU A 46 1.51 -1.23 20.50
N LYS A 47 2.75 -1.41 20.99
CA LYS A 47 3.34 -0.58 22.02
C LYS A 47 3.45 0.85 21.51
N VAL A 48 4.21 1.19 20.43
CA VAL A 48 4.41 2.60 20.11
C VAL A 48 3.11 3.26 19.68
N VAL A 49 2.05 2.60 19.21
CA VAL A 49 0.76 3.25 18.95
C VAL A 49 0.02 3.37 20.31
N ASP A 50 0.09 2.38 21.23
CA ASP A 50 -0.63 2.58 22.47
C ASP A 50 -0.01 3.74 23.23
N ALA A 51 1.31 3.95 23.13
CA ALA A 51 1.93 5.15 23.68
C ALA A 51 1.37 6.37 22.98
N ALA A 52 1.31 6.41 21.65
CA ALA A 52 0.82 7.52 20.86
C ALA A 52 -0.58 7.98 21.24
N VAL A 53 -1.58 7.16 21.58
CA VAL A 53 -2.86 7.82 21.89
C VAL A 53 -2.95 8.27 23.34
N GLU A 54 -2.10 7.70 24.17
CA GLU A 54 -2.00 8.06 25.55
C GLU A 54 -1.22 9.36 25.66
N LYS A 55 -0.14 9.61 24.89
CA LYS A 55 0.46 10.89 24.89
C LYS A 55 -0.61 11.84 24.31
N ALA A 56 -1.00 11.86 23.03
CA ALA A 56 -1.92 12.87 22.52
C ALA A 56 -3.31 13.10 23.15
N TYR A 57 -4.19 12.13 23.42
CA TYR A 57 -5.54 12.46 23.92
C TYR A 57 -5.65 12.42 25.43
N LYS A 58 -4.47 12.36 26.05
CA LYS A 58 -4.23 12.36 27.48
C LYS A 58 -5.23 11.48 28.17
N GLY A 59 -5.08 10.20 27.86
CA GLY A 59 -5.93 9.16 28.43
C GLY A 59 -7.41 9.15 28.05
N GLU A 60 -7.91 10.13 27.32
CA GLU A 60 -9.31 10.09 26.91
C GLU A 60 -9.54 9.07 25.81
N ARG A 61 -8.60 8.69 24.93
CA ARG A 61 -8.94 7.71 23.89
C ARG A 61 -8.18 6.43 24.18
N LYS A 62 -8.66 5.28 23.71
CA LYS A 62 -8.03 3.98 23.94
C LYS A 62 -8.38 3.05 22.79
N ILE A 63 -7.43 2.37 22.10
CA ILE A 63 -7.84 1.44 21.06
C ILE A 63 -7.94 0.03 21.66
N SER A 64 -9.09 -0.61 21.48
CA SER A 64 -9.35 -2.03 21.78
C SER A 64 -8.89 -2.99 20.66
N TRP A 65 -7.63 -3.40 20.78
CA TRP A 65 -7.01 -4.35 19.90
C TRP A 65 -7.77 -5.69 19.97
N MET A 66 -8.04 -6.19 18.77
CA MET A 66 -8.73 -7.45 18.58
C MET A 66 -7.91 -8.17 17.50
N GLU A 67 -7.33 -9.29 17.88
CA GLU A 67 -6.58 -10.16 17.00
C GLU A 67 -7.39 -11.06 16.05
N ILE A 68 -6.98 -10.98 14.78
CA ILE A 68 -7.51 -11.90 13.78
C ILE A 68 -6.30 -12.54 13.11
N TYR A 69 -6.63 -13.49 12.21
CA TYR A 69 -5.69 -14.42 11.59
C TYR A 69 -6.06 -14.60 10.17
N THR A 70 -4.89 -14.81 9.59
CA THR A 70 -4.69 -15.15 8.21
C THR A 70 -3.30 -15.76 8.17
N GLY A 71 -2.96 -16.37 7.06
CA GLY A 71 -1.66 -16.92 6.82
C GLY A 71 -1.57 -18.22 7.55
N GLU A 72 -0.30 -18.37 7.91
CA GLU A 72 0.19 -19.45 8.72
C GLU A 72 -0.48 -19.44 10.10
N LYS A 73 -0.86 -18.33 10.74
CA LYS A 73 -1.47 -18.42 12.07
C LYS A 73 -2.92 -18.90 11.95
N SER A 74 -3.59 -18.88 10.79
CA SER A 74 -4.92 -19.52 10.72
C SER A 74 -4.75 -21.04 10.69
N THR A 75 -3.75 -21.65 10.05
CA THR A 75 -3.62 -23.10 10.04
C THR A 75 -3.31 -23.74 11.42
N GLN A 76 -2.70 -22.97 12.34
CA GLN A 76 -2.38 -23.47 13.64
C GLN A 76 -3.49 -23.08 14.61
N VAL A 77 -4.59 -22.42 14.18
CA VAL A 77 -5.70 -22.03 15.05
C VAL A 77 -6.97 -22.68 14.62
N TYR A 78 -7.28 -22.60 13.32
CA TYR A 78 -8.50 -23.18 12.78
C TYR A 78 -8.27 -24.58 12.23
N GLY A 79 -7.47 -24.67 11.15
CA GLY A 79 -7.25 -25.93 10.45
C GLY A 79 -6.05 -25.81 9.52
N GLN A 80 -5.38 -26.92 9.18
CA GLN A 80 -4.07 -26.97 8.50
C GLN A 80 -3.95 -26.55 7.05
N ASP A 81 -5.11 -26.10 6.66
CA ASP A 81 -5.54 -25.84 5.32
C ASP A 81 -6.23 -24.50 5.19
N VAL A 82 -6.40 -23.76 6.29
CA VAL A 82 -7.14 -22.52 6.23
C VAL A 82 -6.10 -21.43 6.32
N TRP A 83 -5.98 -20.65 5.26
CA TRP A 83 -5.04 -19.56 5.27
C TRP A 83 -5.75 -18.19 5.27
N LEU A 84 -7.04 -18.17 5.00
CA LEU A 84 -7.83 -16.96 5.00
C LEU A 84 -9.18 -17.50 5.46
N PRO A 85 -9.65 -17.36 6.69
CA PRO A 85 -11.01 -17.61 7.06
C PRO A 85 -11.97 -16.58 6.51
N ALA A 86 -13.20 -17.05 6.28
CA ALA A 86 -14.29 -16.19 5.84
C ALA A 86 -14.57 -15.16 6.89
N GLU A 87 -14.42 -15.57 8.12
CA GLU A 87 -14.69 -14.70 9.22
C GLU A 87 -13.75 -13.51 9.26
N THR A 88 -12.57 -13.65 8.67
CA THR A 88 -11.64 -12.56 8.62
C THR A 88 -12.18 -11.52 7.67
N LEU A 89 -12.84 -11.95 6.61
CA LEU A 89 -13.35 -11.01 5.66
C LEU A 89 -14.50 -10.25 6.22
N ASP A 90 -15.42 -10.95 6.89
CA ASP A 90 -16.53 -10.31 7.57
C ASP A 90 -16.07 -9.23 8.51
N LEU A 91 -15.11 -9.59 9.35
CA LEU A 91 -14.60 -8.70 10.39
C LEU A 91 -13.91 -7.42 9.95
N ILE A 92 -13.05 -7.39 8.90
CA ILE A 92 -12.43 -6.15 8.43
C ILE A 92 -13.58 -5.26 7.94
N ARG A 93 -14.57 -5.86 7.30
CA ARG A 93 -15.73 -5.19 6.75
C ARG A 93 -16.65 -4.53 7.78
N GLU A 94 -16.85 -5.21 8.94
CA GLU A 94 -17.70 -4.76 10.04
C GLU A 94 -17.01 -3.74 10.96
N TYR A 95 -15.72 -4.03 11.26
CA TYR A 95 -14.85 -3.18 12.05
C TYR A 95 -14.27 -1.96 11.38
N ARG A 96 -14.37 -1.93 10.07
CA ARG A 96 -13.97 -0.89 9.15
C ARG A 96 -12.47 -0.74 8.98
N VAL A 97 -11.67 -0.92 10.03
CA VAL A 97 -10.24 -0.68 9.93
C VAL A 97 -9.50 -1.89 10.43
N ALA A 98 -8.40 -2.35 9.80
CA ALA A 98 -7.55 -3.40 10.38
C ALA A 98 -6.14 -3.05 9.97
N ILE A 99 -5.15 -3.52 10.73
CA ILE A 99 -3.77 -3.27 10.38
C ILE A 99 -3.18 -4.64 10.24
N LYS A 100 -2.17 -4.94 9.44
CA LYS A 100 -1.60 -6.27 9.42
C LYS A 100 -0.11 -6.32 9.11
N GLY A 101 0.54 -7.29 9.73
CA GLY A 101 1.91 -7.59 9.41
C GLY A 101 1.95 -8.54 8.19
N PRO A 102 3.17 -8.94 7.75
CA PRO A 102 3.43 -9.90 6.71
C PRO A 102 2.77 -11.29 6.68
N LEU A 103 2.34 -11.78 5.51
CA LEU A 103 1.65 -13.05 5.41
C LEU A 103 2.44 -13.93 4.47
N THR A 104 2.69 -15.17 4.89
CA THR A 104 3.28 -16.18 4.02
C THR A 104 2.12 -16.96 3.40
N THR A 105 2.42 -17.30 2.14
CA THR A 105 1.53 -17.98 1.22
C THR A 105 2.18 -19.29 0.83
N PRO A 106 1.67 -20.52 1.09
CA PRO A 106 2.39 -21.76 0.92
C PRO A 106 2.57 -22.04 -0.52
N VAL A 107 3.66 -22.55 -0.99
CA VAL A 107 3.69 -22.93 -2.38
C VAL A 107 3.28 -24.39 -2.32
N GLY A 108 2.98 -24.96 -3.47
CA GLY A 108 2.56 -26.36 -3.44
C GLY A 108 1.09 -26.57 -3.16
N GLY A 109 0.26 -25.59 -2.78
CA GLY A 109 -1.12 -25.92 -2.48
C GLY A 109 -2.26 -25.23 -3.22
N GLY A 110 -2.06 -24.42 -4.31
CA GLY A 110 -3.12 -23.70 -5.07
C GLY A 110 -3.45 -22.29 -4.57
N ILE A 111 -2.89 -21.94 -3.41
CA ILE A 111 -3.11 -20.67 -2.74
C ILE A 111 -2.45 -19.49 -3.51
N ARG A 112 -3.20 -18.59 -4.17
CA ARG A 112 -2.64 -17.34 -4.76
C ARG A 112 -1.99 -16.40 -3.75
N SER A 113 -1.27 -15.33 -4.08
CA SER A 113 -0.65 -14.48 -3.06
C SER A 113 -1.69 -13.92 -2.07
N LEU A 114 -1.61 -14.29 -0.78
CA LEU A 114 -2.64 -13.94 0.16
C LEU A 114 -2.90 -12.48 0.31
N ASN A 115 -1.98 -11.58 0.05
CA ASN A 115 -2.21 -10.14 0.23
C ASN A 115 -3.09 -9.63 -0.94
N VAL A 116 -2.84 -10.22 -2.11
CA VAL A 116 -3.64 -9.89 -3.24
C VAL A 116 -4.96 -10.56 -3.01
N ALA A 117 -5.03 -11.73 -2.39
CA ALA A 117 -6.32 -12.35 -2.09
C ALA A 117 -7.22 -11.44 -1.26
N LEU A 118 -6.70 -10.88 -0.16
CA LEU A 118 -7.38 -9.86 0.64
C LEU A 118 -7.80 -8.65 -0.18
N ARG A 119 -6.90 -7.89 -0.83
CA ARG A 119 -7.29 -6.79 -1.76
C ARG A 119 -8.44 -7.08 -2.73
N GLN A 120 -8.59 -8.27 -3.28
CA GLN A 120 -9.61 -8.48 -4.26
C GLN A 120 -10.92 -8.83 -3.61
N GLU A 121 -10.88 -9.76 -2.65
CA GLU A 121 -12.08 -10.25 -1.99
C GLU A 121 -12.82 -9.20 -1.15
N LEU A 122 -12.11 -8.20 -0.67
CA LEU A 122 -12.66 -7.08 0.08
C LEU A 122 -12.85 -5.83 -0.78
N ASP A 123 -12.34 -5.93 -1.99
CA ASP A 123 -12.34 -4.87 -2.94
C ASP A 123 -11.76 -3.56 -2.46
N LEU A 124 -10.51 -3.67 -2.01
CA LEU A 124 -9.79 -2.51 -1.53
C LEU A 124 -9.15 -1.92 -2.80
N TYR A 125 -9.95 -1.24 -3.64
CA TYR A 125 -9.43 -0.77 -4.91
C TYR A 125 -8.26 0.19 -4.87
N ILE A 126 -8.01 1.18 -3.99
CA ILE A 126 -6.86 2.09 -3.94
C ILE A 126 -5.73 1.43 -3.14
N CYS A 127 -4.43 1.48 -3.44
CA CYS A 127 -3.37 0.90 -2.60
C CYS A 127 -2.43 2.09 -2.51
N LEU A 128 -2.45 2.73 -1.35
CA LEU A 128 -1.83 4.03 -1.19
C LEU A 128 -0.53 3.84 -0.45
N ARG A 129 0.49 4.13 -1.18
CA ARG A 129 1.80 3.90 -0.70
C ARG A 129 2.53 5.22 -0.82
N PRO A 130 2.59 6.01 0.28
CA PRO A 130 3.54 7.14 0.43
C PRO A 130 4.98 6.67 0.28
N VAL A 131 5.89 7.63 0.00
CA VAL A 131 7.32 7.39 -0.12
C VAL A 131 8.12 8.73 -0.13
N ARG A 132 8.70 8.99 1.04
CA ARG A 132 9.44 10.20 1.32
C ARG A 132 10.71 9.94 2.09
N TYR A 133 11.61 10.90 2.06
CA TYR A 133 12.89 10.76 2.73
C TYR A 133 12.91 11.06 4.21
N TYR A 134 13.23 10.19 5.15
CA TYR A 134 13.42 10.63 6.54
C TYR A 134 14.89 11.03 6.75
N GLN A 135 15.17 12.25 7.22
CA GLN A 135 16.52 12.79 7.39
C GLN A 135 17.41 11.93 8.24
N GLY A 136 18.49 11.48 7.64
CA GLY A 136 19.40 10.59 8.30
C GLY A 136 19.19 9.14 7.82
N THR A 137 18.17 8.79 7.03
CA THR A 137 18.01 7.41 6.58
C THR A 137 19.10 7.17 5.54
N PRO A 138 19.92 6.14 5.77
CA PRO A 138 20.83 5.61 4.78
C PRO A 138 20.19 5.29 3.42
N SER A 139 20.72 6.03 2.41
CA SER A 139 20.30 5.97 1.03
C SER A 139 21.37 5.63 0.01
N PRO A 140 21.10 4.78 -0.98
CA PRO A 140 21.94 4.57 -2.16
C PRO A 140 22.25 5.77 -3.09
N VAL A 141 21.34 6.70 -3.01
CA VAL A 141 21.30 7.82 -3.87
C VAL A 141 21.93 9.04 -3.18
N LYS A 142 22.35 9.94 -4.05
CA LYS A 142 22.90 11.20 -3.63
C LYS A 142 21.89 12.19 -3.11
N HIS A 143 20.69 12.35 -3.62
CA HIS A 143 19.89 13.41 -3.06
C HIS A 143 18.54 12.91 -2.68
N PRO A 144 18.41 12.00 -1.71
CA PRO A 144 17.12 11.35 -1.43
C PRO A 144 16.07 12.32 -0.92
N GLU A 145 16.48 13.54 -0.56
CA GLU A 145 15.55 14.45 0.01
C GLU A 145 14.64 15.09 -1.03
N LEU A 146 14.88 14.87 -2.30
CA LEU A 146 13.94 15.38 -3.27
C LEU A 146 12.87 14.33 -3.43
N THR A 147 12.83 13.13 -2.80
CA THR A 147 11.70 12.28 -3.05
C THR A 147 10.62 12.34 -2.00
N ASP A 148 9.48 12.86 -2.45
CA ASP A 148 8.28 12.88 -1.60
C ASP A 148 7.12 12.77 -2.56
N MET A 149 6.79 11.47 -2.72
CA MET A 149 5.84 11.06 -3.74
C MET A 149 4.71 10.26 -3.13
N VAL A 150 3.61 10.05 -3.85
CA VAL A 150 2.47 9.24 -3.33
C VAL A 150 1.95 8.40 -4.50
N ILE A 151 2.04 7.09 -4.30
CA ILE A 151 1.63 6.15 -5.32
C ILE A 151 0.23 5.56 -5.04
N PHE A 152 -0.63 5.67 -6.07
CA PHE A 152 -1.97 5.12 -6.01
C PHE A 152 -2.00 4.02 -7.02
N ARG A 153 -1.41 2.89 -6.68
CA ARG A 153 -1.45 1.73 -7.56
C ARG A 153 -2.89 1.18 -7.46
N GLU A 154 -3.57 0.92 -8.58
CA GLU A 154 -4.93 0.41 -8.65
C GLU A 154 -4.81 -1.02 -8.15
N ASN A 155 -5.75 -1.59 -7.38
CA ASN A 155 -5.63 -2.96 -6.84
C ASN A 155 -6.41 -4.13 -7.38
N SER A 156 -7.60 -3.86 -7.92
CA SER A 156 -8.57 -4.91 -8.31
C SER A 156 -8.42 -5.62 -9.67
N GLU A 157 -7.59 -4.96 -10.49
CA GLU A 157 -7.46 -5.23 -11.90
C GLU A 157 -6.01 -5.41 -12.41
N ASP A 158 -5.77 -5.34 -13.74
CA ASP A 158 -4.51 -5.52 -14.42
C ASP A 158 -4.12 -7.00 -14.39
N ILE A 159 -3.09 -7.48 -15.12
CA ILE A 159 -2.56 -8.86 -15.14
C ILE A 159 -2.42 -9.57 -13.80
N TYR A 160 -2.26 -8.66 -12.85
CA TYR A 160 -2.10 -8.92 -11.44
C TYR A 160 -3.31 -9.56 -10.82
N ALA A 161 -4.50 -9.62 -11.42
CA ALA A 161 -5.68 -10.33 -10.90
C ALA A 161 -5.52 -11.84 -10.90
N GLY A 162 -4.77 -12.38 -11.88
CA GLY A 162 -4.52 -13.82 -11.95
C GLY A 162 -5.55 -14.58 -12.79
N ILE A 163 -5.81 -14.16 -14.03
CA ILE A 163 -6.60 -15.01 -14.89
C ILE A 163 -5.46 -15.59 -15.72
N GLU A 164 -4.97 -16.79 -15.41
CA GLU A 164 -3.89 -17.37 -16.19
C GLU A 164 -4.08 -18.88 -16.27
N TRP A 165 -3.75 -19.54 -17.38
CA TRP A 165 -3.94 -20.98 -17.51
C TRP A 165 -2.60 -21.63 -17.83
N LYS A 166 -2.30 -22.75 -17.17
CA LYS A 166 -1.03 -23.49 -17.30
C LYS A 166 -0.74 -24.05 -18.66
N ALA A 167 0.50 -23.91 -19.11
CA ALA A 167 0.95 -24.36 -20.43
C ALA A 167 0.70 -25.85 -20.51
N ASP A 168 0.20 -26.20 -21.69
CA ASP A 168 -0.24 -27.56 -22.06
C ASP A 168 -1.41 -28.14 -21.25
N SER A 169 -2.10 -27.36 -20.43
CA SER A 169 -3.34 -27.83 -19.85
C SER A 169 -4.35 -27.64 -20.98
N ALA A 170 -5.56 -28.16 -20.77
CA ALA A 170 -6.67 -27.94 -21.68
C ALA A 170 -7.21 -26.51 -21.77
N ASP A 171 -7.26 -25.83 -20.61
CA ASP A 171 -7.81 -24.48 -20.57
C ASP A 171 -6.82 -23.61 -21.34
N ALA A 172 -5.50 -23.81 -21.12
CA ALA A 172 -4.48 -23.10 -21.87
C ALA A 172 -4.63 -23.41 -23.33
N GLU A 173 -4.73 -24.70 -23.63
CA GLU A 173 -4.86 -25.22 -24.99
C GLU A 173 -6.00 -24.69 -25.87
N LYS A 174 -7.20 -24.52 -25.27
CA LYS A 174 -8.30 -23.99 -26.04
C LYS A 174 -8.50 -22.49 -25.86
N VAL A 175 -7.91 -21.78 -24.90
CA VAL A 175 -7.88 -20.31 -25.00
C VAL A 175 -7.05 -20.00 -26.24
N ILE A 176 -5.89 -20.66 -26.43
CA ILE A 176 -5.11 -20.52 -27.67
C ILE A 176 -5.93 -21.04 -28.85
N LYS A 177 -6.53 -22.24 -28.91
CA LYS A 177 -7.31 -22.59 -30.09
C LYS A 177 -8.37 -21.54 -30.43
N PHE A 178 -9.09 -21.03 -29.44
CA PHE A 178 -10.03 -19.93 -29.61
C PHE A 178 -9.37 -18.70 -30.27
N LEU A 179 -8.20 -18.30 -29.77
CA LEU A 179 -7.51 -17.13 -30.24
C LEU A 179 -6.99 -17.31 -31.67
N ARG A 180 -6.33 -18.43 -31.99
CA ARG A 180 -5.77 -18.67 -33.31
C ARG A 180 -6.90 -18.71 -34.34
N GLU A 181 -7.93 -19.54 -34.11
CA GLU A 181 -9.01 -19.67 -35.07
C GLU A 181 -9.96 -18.50 -34.97
N GLU A 182 -10.81 -18.49 -33.94
CA GLU A 182 -11.90 -17.54 -33.84
C GLU A 182 -11.47 -16.10 -33.78
N MET A 183 -10.38 -15.72 -33.10
CA MET A 183 -10.00 -14.30 -33.09
C MET A 183 -9.02 -13.88 -34.17
N GLY A 184 -8.48 -14.85 -34.90
CA GLY A 184 -7.55 -14.59 -36.00
C GLY A 184 -6.20 -14.14 -35.49
N VAL A 185 -5.74 -14.64 -34.30
CA VAL A 185 -4.46 -14.16 -33.78
C VAL A 185 -3.29 -14.94 -34.36
N LYS A 186 -2.51 -14.04 -34.91
CA LYS A 186 -1.29 -14.39 -35.58
C LYS A 186 -0.06 -14.09 -34.72
N LYS A 187 -0.02 -13.16 -33.75
CA LYS A 187 1.25 -12.84 -33.10
C LYS A 187 1.67 -13.65 -31.87
N ILE A 188 1.19 -14.91 -31.72
CA ILE A 188 1.73 -15.81 -30.69
C ILE A 188 2.77 -16.69 -31.43
N ARG A 189 4.07 -16.38 -31.27
CA ARG A 189 5.21 -17.07 -31.91
C ARG A 189 5.20 -18.56 -31.65
N PHE A 190 4.98 -18.93 -30.40
CA PHE A 190 4.96 -20.35 -30.02
C PHE A 190 3.71 -20.71 -29.17
N PRO A 191 2.53 -21.12 -29.70
CA PRO A 191 1.39 -21.71 -28.98
C PRO A 191 1.78 -22.97 -28.24
N GLU A 192 2.51 -23.85 -28.90
CA GLU A 192 2.89 -25.07 -28.26
C GLU A 192 3.66 -24.70 -27.03
N HIS A 193 3.13 -25.35 -26.02
CA HIS A 193 3.59 -25.25 -24.65
C HIS A 193 3.73 -23.80 -24.25
N CYS A 194 2.68 -23.03 -24.52
CA CYS A 194 2.58 -21.63 -24.11
C CYS A 194 1.54 -21.36 -23.00
N GLY A 195 2.02 -20.64 -21.98
CA GLY A 195 1.24 -20.13 -20.87
C GLY A 195 0.68 -18.79 -21.33
N ILE A 196 -0.60 -18.61 -21.01
CA ILE A 196 -1.42 -17.45 -21.37
C ILE A 196 -1.92 -16.82 -20.06
N GLY A 197 -1.82 -15.49 -20.01
CA GLY A 197 -2.33 -14.66 -18.95
C GLY A 197 -3.29 -13.65 -19.57
N ILE A 198 -4.21 -13.13 -18.78
CA ILE A 198 -5.10 -12.12 -19.32
C ILE A 198 -5.00 -10.84 -18.52
N LYS A 199 -4.85 -9.71 -19.18
CA LYS A 199 -4.81 -8.42 -18.51
C LYS A 199 -6.11 -7.61 -18.73
N PRO A 200 -7.03 -7.48 -17.77
CA PRO A 200 -8.11 -6.49 -17.79
C PRO A 200 -7.79 -5.05 -17.36
N CYS A 201 -8.43 -4.06 -17.95
CA CYS A 201 -8.33 -2.65 -17.58
C CYS A 201 -9.58 -1.96 -18.13
N SER A 202 -10.49 -1.74 -17.18
CA SER A 202 -11.80 -1.19 -17.46
C SER A 202 -11.75 0.29 -17.27
N GLU A 203 -12.89 0.86 -17.68
CA GLU A 203 -13.13 2.27 -17.54
C GLU A 203 -13.43 2.64 -16.11
N GLU A 204 -14.26 1.82 -15.41
CA GLU A 204 -14.71 2.11 -14.05
C GLU A 204 -13.51 1.94 -13.17
N GLY A 205 -12.84 0.77 -13.20
CA GLY A 205 -11.67 0.52 -12.36
C GLY A 205 -10.57 1.57 -12.59
N THR A 206 -10.42 2.13 -13.80
CA THR A 206 -9.46 3.18 -13.99
C THR A 206 -10.05 4.42 -13.36
N LYS A 207 -11.26 4.85 -13.68
CA LYS A 207 -11.75 6.15 -13.23
C LYS A 207 -11.74 6.32 -11.70
N ARG A 208 -12.20 5.26 -11.03
CA ARG A 208 -12.32 5.31 -9.59
C ARG A 208 -10.97 5.51 -8.94
N LEU A 209 -9.92 4.93 -9.49
CA LEU A 209 -8.59 5.09 -8.92
C LEU A 209 -8.12 6.49 -9.21
N VAL A 210 -8.40 7.01 -10.41
CA VAL A 210 -7.81 8.28 -10.68
C VAL A 210 -8.52 9.42 -9.92
N ARG A 211 -9.83 9.33 -9.67
CA ARG A 211 -10.59 10.29 -8.86
C ARG A 211 -9.98 10.39 -7.46
N ALA A 212 -9.85 9.32 -6.67
CA ALA A 212 -9.06 9.32 -5.44
C ALA A 212 -7.66 9.85 -5.63
N ALA A 213 -6.93 9.75 -6.78
CA ALA A 213 -5.62 10.32 -6.94
C ALA A 213 -5.78 11.82 -7.04
N ILE A 214 -6.54 12.39 -7.95
CA ILE A 214 -6.79 13.85 -8.04
C ILE A 214 -7.29 14.37 -6.69
N GLU A 215 -8.41 13.88 -6.15
CA GLU A 215 -8.97 14.29 -4.87
C GLU A 215 -8.00 14.32 -3.67
N TYR A 216 -6.95 13.46 -3.61
CA TYR A 216 -5.91 13.54 -2.62
C TYR A 216 -4.98 14.69 -2.97
N ALA A 217 -4.72 14.91 -4.26
CA ALA A 217 -3.83 16.00 -4.56
C ALA A 217 -4.59 17.29 -4.33
N ILE A 218 -5.92 17.32 -4.37
CA ILE A 218 -6.65 18.56 -4.08
C ILE A 218 -6.56 18.76 -2.58
N ALA A 219 -6.99 17.73 -1.90
CA ALA A 219 -7.08 17.68 -0.46
C ALA A 219 -5.79 17.93 0.27
N ASN A 220 -4.59 17.79 -0.29
CA ASN A 220 -3.40 18.05 0.50
C ASN A 220 -2.56 19.14 -0.16
N ASP A 221 -3.16 19.87 -1.08
CA ASP A 221 -2.48 20.89 -1.83
C ASP A 221 -1.14 20.45 -2.42
N ARG A 222 -1.29 19.37 -3.11
CA ARG A 222 -0.17 18.85 -3.82
C ARG A 222 -0.22 19.57 -5.17
N ASP A 223 0.97 19.49 -5.77
CA ASP A 223 1.29 20.10 -7.05
C ASP A 223 0.85 19.35 -8.32
N SER A 224 0.85 18.01 -8.42
CA SER A 224 0.54 17.31 -9.68
C SER A 224 0.09 15.86 -9.44
N VAL A 225 -0.63 15.31 -10.42
CA VAL A 225 -1.00 13.93 -10.48
C VAL A 225 -0.38 13.46 -11.83
N THR A 226 0.67 12.65 -11.80
CA THR A 226 1.24 11.96 -12.93
C THR A 226 0.57 10.58 -13.15
N LEU A 227 0.09 10.36 -14.34
CA LEU A 227 -0.51 9.07 -14.69
C LEU A 227 0.65 8.24 -15.27
N VAL A 228 1.02 7.07 -14.78
CA VAL A 228 2.12 6.34 -15.39
C VAL A 228 1.49 5.15 -16.07
N HIS A 229 1.99 4.77 -17.24
CA HIS A 229 1.35 3.71 -18.02
C HIS A 229 2.35 3.23 -19.05
N MET A 230 2.37 2.01 -19.55
CA MET A 230 3.27 1.70 -20.65
C MET A 230 2.34 1.75 -21.84
N GLY A 231 1.62 2.85 -22.02
CA GLY A 231 0.58 2.92 -23.03
C GLY A 231 1.06 2.82 -24.47
N ASN A 232 2.31 3.14 -24.77
CA ASN A 232 2.74 3.21 -26.14
C ASN A 232 2.87 1.84 -26.81
N ILE A 233 2.69 0.80 -26.04
CA ILE A 233 2.69 -0.55 -26.55
C ILE A 233 1.34 -1.09 -26.03
N MET A 234 0.96 -1.00 -24.73
CA MET A 234 -0.35 -1.46 -24.27
C MET A 234 -1.51 -0.50 -24.46
N LYS A 235 -1.85 -0.27 -25.72
CA LYS A 235 -2.90 0.66 -26.17
C LYS A 235 -4.31 0.68 -25.58
N PHE A 236 -4.95 -0.45 -25.36
CA PHE A 236 -6.35 -0.50 -25.00
C PHE A 236 -6.55 -1.00 -23.56
N THR A 237 -5.39 -1.13 -22.82
CA THR A 237 -5.38 -1.32 -21.38
C THR A 237 -4.63 -0.08 -20.83
N GLU A 238 -3.30 -0.08 -20.68
CA GLU A 238 -2.53 0.99 -20.08
C GLU A 238 -2.78 2.35 -20.70
N GLY A 239 -2.77 2.29 -22.06
CA GLY A 239 -3.05 3.36 -22.99
C GLY A 239 -4.43 3.92 -22.67
N ALA A 240 -5.42 3.04 -22.45
CA ALA A 240 -6.74 3.43 -22.00
C ALA A 240 -6.78 4.02 -20.61
N PHE A 241 -6.13 3.44 -19.62
CA PHE A 241 -6.01 4.01 -18.29
C PHE A 241 -5.59 5.48 -18.40
N LYS A 242 -4.58 5.78 -19.23
CA LYS A 242 -4.13 7.16 -19.48
C LYS A 242 -5.30 8.04 -19.96
N ASP A 243 -6.09 7.61 -20.95
CA ASP A 243 -7.07 8.51 -21.49
C ASP A 243 -8.30 8.70 -20.65
N TRP A 244 -8.76 7.64 -19.99
CA TRP A 244 -9.81 7.64 -18.99
C TRP A 244 -9.40 8.59 -17.89
N GLY A 245 -8.15 8.40 -17.43
CA GLY A 245 -7.54 9.18 -16.38
C GLY A 245 -7.71 10.65 -16.70
N TYR A 246 -7.36 10.96 -17.93
CA TYR A 246 -7.47 12.29 -18.46
C TYR A 246 -8.90 12.77 -18.59
N GLN A 247 -9.77 11.94 -19.17
CA GLN A 247 -11.18 12.25 -19.38
C GLN A 247 -11.82 12.54 -18.05
N LEU A 248 -11.52 11.80 -16.97
CA LEU A 248 -12.14 12.06 -15.68
C LEU A 248 -11.60 13.36 -15.17
N ALA A 249 -10.30 13.64 -15.33
CA ALA A 249 -9.69 14.92 -14.89
C ALA A 249 -10.46 16.10 -15.47
N ARG A 250 -10.67 16.06 -16.77
CA ARG A 250 -11.40 17.00 -17.62
C ARG A 250 -12.91 17.12 -17.37
N GLU A 251 -13.72 16.06 -17.35
CA GLU A 251 -15.13 16.23 -17.10
C GLU A 251 -15.45 16.32 -15.63
N GLU A 252 -14.81 15.61 -14.71
CA GLU A 252 -15.20 15.72 -13.31
C GLU A 252 -14.55 16.83 -12.53
N PHE A 253 -13.25 17.00 -12.61
CA PHE A 253 -12.62 18.08 -11.88
C PHE A 253 -12.41 19.27 -12.78
N GLY A 254 -13.20 19.45 -13.85
CA GLY A 254 -13.03 20.57 -14.79
C GLY A 254 -11.62 20.96 -15.27
N GLY A 255 -10.74 20.05 -15.66
CA GLY A 255 -9.41 20.42 -16.10
C GLY A 255 -9.36 21.09 -17.47
N GLU A 256 -8.55 22.16 -17.47
CA GLU A 256 -8.22 22.96 -18.66
C GLU A 256 -7.08 22.39 -19.49
N LEU A 257 -7.04 22.43 -20.82
CA LEU A 257 -5.85 22.05 -21.57
C LEU A 257 -4.72 23.00 -21.22
N ILE A 258 -3.49 22.53 -21.04
CA ILE A 258 -2.35 23.40 -20.80
C ILE A 258 -1.67 23.52 -22.15
N ASP A 259 -1.69 24.76 -22.60
CA ASP A 259 -1.05 25.24 -23.81
C ASP A 259 -1.26 24.25 -24.96
N GLY A 260 -0.58 23.15 -25.26
CA GLY A 260 -1.06 22.23 -26.31
C GLY A 260 -1.44 20.81 -25.79
N GLY A 261 -1.10 20.46 -24.53
CA GLY A 261 -1.46 19.18 -23.93
C GLY A 261 -0.55 17.95 -24.13
N PRO A 262 -0.93 16.78 -23.60
CA PRO A 262 -2.26 16.57 -23.03
C PRO A 262 -2.38 16.94 -21.55
N TRP A 263 -1.42 17.70 -21.05
CA TRP A 263 -1.42 18.03 -19.66
C TRP A 263 -2.55 19.00 -19.35
N LEU A 264 -3.25 18.82 -18.26
CA LEU A 264 -4.34 19.69 -17.88
C LEU A 264 -4.02 20.55 -16.64
N LYS A 265 -4.68 21.69 -16.44
CA LYS A 265 -4.62 22.55 -15.27
C LYS A 265 -5.99 22.40 -14.56
N VAL A 266 -6.03 21.80 -13.38
CA VAL A 266 -7.24 21.60 -12.57
C VAL A 266 -7.04 22.66 -11.51
N LYS A 267 -7.98 23.49 -11.08
CA LYS A 267 -7.66 24.45 -10.04
C LYS A 267 -7.94 23.71 -8.75
N ASN A 268 -7.24 24.03 -7.66
CA ASN A 268 -7.45 23.36 -6.41
C ASN A 268 -8.48 24.27 -5.76
N PRO A 269 -9.77 23.98 -5.69
CA PRO A 269 -10.84 24.89 -5.24
C PRO A 269 -10.61 25.66 -3.93
N ASN A 270 -9.95 24.99 -3.01
CA ASN A 270 -9.62 25.53 -1.70
C ASN A 270 -8.54 26.58 -1.83
N THR A 271 -7.40 26.19 -2.40
CA THR A 271 -6.28 27.12 -2.45
C THR A 271 -6.18 27.94 -3.74
N GLY A 272 -6.99 27.58 -4.74
CA GLY A 272 -6.97 28.17 -6.06
C GLY A 272 -5.68 27.90 -6.83
N LYS A 273 -4.82 27.02 -6.36
CA LYS A 273 -3.58 26.67 -7.05
C LYS A 273 -3.92 25.77 -8.26
N GLU A 274 -2.98 25.42 -9.11
CA GLU A 274 -3.27 24.53 -10.21
C GLU A 274 -2.57 23.21 -9.99
N ILE A 275 -3.27 22.09 -9.90
CA ILE A 275 -2.70 20.73 -9.86
C ILE A 275 -2.42 20.45 -11.35
N VAL A 276 -1.23 20.04 -11.80
CA VAL A 276 -0.97 19.67 -13.18
C VAL A 276 -1.29 18.17 -13.31
N ILE A 277 -1.85 17.75 -14.45
CA ILE A 277 -2.13 16.34 -14.78
C ILE A 277 -1.24 15.95 -15.97
N LYS A 278 -0.02 15.49 -15.76
CA LYS A 278 0.93 15.13 -16.81
C LYS A 278 0.61 13.65 -17.03
N ASP A 279 1.51 12.92 -17.67
CA ASP A 279 1.51 11.48 -17.77
C ASP A 279 2.96 11.14 -18.11
N VAL A 280 3.54 9.94 -17.82
CA VAL A 280 4.89 9.62 -18.30
C VAL A 280 4.91 8.11 -18.55
N ILE A 281 5.46 7.71 -19.69
CA ILE A 281 5.50 6.32 -20.06
C ILE A 281 6.43 5.62 -19.09
N ALA A 282 5.77 4.61 -18.45
CA ALA A 282 6.30 3.64 -17.52
C ALA A 282 7.79 3.28 -17.61
N ASP A 283 8.45 2.80 -18.72
CA ASP A 283 9.93 2.69 -18.64
C ASP A 283 10.67 4.04 -18.45
N ALA A 284 10.25 5.20 -18.95
CA ALA A 284 10.97 6.45 -18.66
C ALA A 284 10.70 6.90 -17.25
N PHE A 285 9.52 6.66 -16.68
CA PHE A 285 9.20 7.03 -15.31
C PHE A 285 10.20 6.42 -14.29
N LEU A 286 10.50 5.10 -14.44
CA LEU A 286 11.53 4.44 -13.65
C LEU A 286 12.82 5.32 -13.73
N GLN A 287 13.21 5.99 -14.85
CA GLN A 287 14.41 6.85 -14.89
C GLN A 287 14.20 8.22 -14.24
N GLN A 288 13.17 8.93 -14.64
CA GLN A 288 12.85 10.23 -14.09
C GLN A 288 12.73 10.24 -12.57
N ILE A 289 12.33 9.16 -11.94
CA ILE A 289 12.47 9.13 -10.50
C ILE A 289 13.91 9.12 -9.95
N LEU A 290 15.01 8.66 -10.54
CA LEU A 290 16.36 8.86 -9.95
C LEU A 290 16.97 10.19 -10.46
N LEU A 291 16.59 10.54 -11.69
CA LEU A 291 17.09 11.76 -12.31
C LEU A 291 16.33 13.10 -12.15
N ARG A 292 15.01 13.20 -12.07
CA ARG A 292 14.35 14.43 -11.77
C ARG A 292 13.28 14.12 -10.71
N PRO A 293 13.58 13.60 -9.49
CA PRO A 293 12.59 13.18 -8.50
C PRO A 293 11.64 14.23 -7.98
N ALA A 294 12.13 15.46 -8.02
CA ALA A 294 11.33 16.62 -7.65
C ALA A 294 10.29 17.05 -8.68
N GLU A 295 10.15 16.42 -9.86
CA GLU A 295 9.03 16.77 -10.71
C GLU A 295 7.84 15.92 -10.27
N TYR A 296 7.97 14.92 -9.38
CA TYR A 296 6.83 14.10 -9.18
C TYR A 296 6.29 14.25 -7.80
N ASP A 297 5.00 14.08 -7.76
CA ASP A 297 4.30 14.39 -6.56
C ASP A 297 3.27 13.31 -6.43
N VAL A 298 2.02 13.37 -6.84
CA VAL A 298 1.13 12.21 -6.72
C VAL A 298 1.33 11.35 -8.02
N ILE A 299 1.28 10.00 -7.96
CA ILE A 299 1.44 9.12 -9.10
C ILE A 299 0.25 8.19 -9.11
N ALA A 300 -0.41 7.94 -10.25
CA ALA A 300 -1.60 7.04 -10.36
C ALA A 300 -1.16 5.99 -11.35
N CYS A 301 -1.38 4.71 -11.09
CA CYS A 301 -1.06 3.72 -12.09
C CYS A 301 -1.72 2.37 -11.86
N MET A 302 -1.74 1.53 -12.89
CA MET A 302 -2.32 0.19 -12.80
C MET A 302 -1.48 -0.63 -11.85
N ASN A 303 -2.11 -1.72 -11.35
CA ASN A 303 -1.54 -2.67 -10.38
C ASN A 303 -0.10 -3.03 -10.56
N LEU A 304 0.31 -3.63 -11.68
CA LEU A 304 1.69 -4.05 -11.85
C LEU A 304 2.71 -2.93 -11.75
N ASN A 305 2.53 -1.80 -12.46
CA ASN A 305 3.49 -0.72 -12.44
C ASN A 305 3.52 -0.10 -11.06
N GLY A 306 2.42 0.05 -10.32
CA GLY A 306 2.48 0.59 -8.98
C GLY A 306 3.32 -0.35 -8.11
N ASP A 307 3.25 -1.66 -8.32
CA ASP A 307 4.06 -2.57 -7.56
C ASP A 307 5.52 -2.25 -7.72
N TYR A 308 6.03 -2.19 -8.97
CA TYR A 308 7.43 -1.95 -9.24
C TYR A 308 7.83 -0.54 -8.82
N ILE A 309 7.15 0.51 -9.29
CA ILE A 309 7.38 1.93 -9.00
C ILE A 309 7.54 2.13 -7.52
N SER A 310 6.61 1.59 -6.72
CA SER A 310 6.68 1.63 -5.28
C SER A 310 8.03 1.06 -4.86
N ASP A 311 8.32 -0.23 -5.00
CA ASP A 311 9.55 -0.78 -4.47
C ASP A 311 10.81 -0.14 -4.97
N ALA A 312 10.91 0.27 -6.23
CA ALA A 312 12.02 1.10 -6.74
C ALA A 312 12.14 2.42 -5.91
N LEU A 313 11.08 3.21 -5.75
CA LEU A 313 11.11 4.50 -5.09
C LEU A 313 11.42 4.28 -3.61
N ALA A 314 11.09 3.13 -3.04
CA ALA A 314 11.26 2.89 -1.61
C ALA A 314 12.70 2.67 -1.21
N ALA A 315 13.43 2.12 -2.21
CA ALA A 315 14.86 1.83 -2.05
C ALA A 315 15.71 3.07 -2.20
N GLN A 316 15.33 3.92 -3.16
CA GLN A 316 15.98 5.21 -3.34
C GLN A 316 16.07 6.06 -2.05
N VAL A 317 15.04 5.96 -1.15
CA VAL A 317 15.00 6.71 0.11
C VAL A 317 15.40 5.82 1.28
N GLY A 318 16.11 4.72 1.05
CA GLY A 318 16.66 3.88 2.09
C GLY A 318 15.60 3.31 3.00
N GLY A 319 14.39 3.30 2.48
CA GLY A 319 13.27 2.93 3.30
C GLY A 319 12.66 1.60 2.94
N ILE A 320 13.49 0.65 2.54
CA ILE A 320 13.11 -0.70 2.13
C ILE A 320 12.15 -1.36 3.14
N GLY A 321 12.44 -1.11 4.40
CA GLY A 321 11.61 -1.55 5.49
C GLY A 321 11.16 -0.36 6.31
N ILE A 322 11.05 0.89 5.86
CA ILE A 322 10.39 1.89 6.66
C ILE A 322 9.12 2.29 5.91
N ALA A 323 8.95 1.85 4.63
CA ALA A 323 7.84 2.20 3.77
C ALA A 323 6.46 1.75 4.33
N PRO A 324 5.46 2.62 4.52
CA PRO A 324 4.19 2.27 5.06
C PRO A 324 3.25 1.84 3.94
N GLY A 325 2.03 1.37 4.13
CA GLY A 325 1.14 1.33 2.97
C GLY A 325 -0.20 0.84 3.38
N ALA A 326 -1.20 1.26 2.63
CA ALA A 326 -2.56 0.86 2.90
C ALA A 326 -3.15 0.26 1.64
N ASN A 327 -4.41 -0.24 1.77
CA ASN A 327 -5.30 -0.75 0.72
C ASN A 327 -6.65 -0.16 1.11
N ILE A 328 -7.12 0.92 0.55
CA ILE A 328 -8.36 1.52 0.97
C ILE A 328 -9.35 1.18 -0.10
N GLY A 329 -10.45 0.78 0.49
CA GLY A 329 -11.63 0.38 -0.19
C GLY A 329 -12.67 1.41 0.13
N ASP A 330 -13.90 1.00 -0.09
CA ASP A 330 -15.03 1.88 0.07
C ASP A 330 -15.79 1.51 1.35
N GLU A 331 -15.85 0.23 1.70
CA GLU A 331 -16.49 -0.17 2.95
C GLU A 331 -15.48 -0.42 4.08
N CYS A 332 -14.16 -0.54 3.86
CA CYS A 332 -13.19 -0.73 4.94
C CYS A 332 -11.78 -0.38 4.50
N ALA A 333 -10.76 -0.39 5.31
CA ALA A 333 -9.42 -0.02 4.89
C ALA A 333 -8.52 -0.91 5.75
N LEU A 334 -7.43 -1.44 5.17
CA LEU A 334 -6.52 -2.41 5.80
C LEU A 334 -5.13 -1.93 5.53
N PHE A 335 -4.41 -1.60 6.56
CA PHE A 335 -3.11 -0.96 6.47
C PHE A 335 -2.14 -2.11 6.71
N GLU A 336 -0.96 -2.08 6.13
CA GLU A 336 -0.12 -3.26 6.08
C GLU A 336 1.36 -2.88 6.10
N ALA A 337 2.09 -3.93 6.52
CA ALA A 337 3.51 -3.92 6.46
C ALA A 337 3.79 -4.20 4.99
N THR A 338 4.52 -3.33 4.33
CA THR A 338 4.88 -3.56 2.94
C THR A 338 6.11 -4.54 2.79
N HIS A 339 6.46 -5.47 3.68
CA HIS A 339 7.62 -6.33 3.41
C HIS A 339 7.23 -7.80 3.61
N GLY A 340 8.14 -8.74 3.46
CA GLY A 340 7.77 -10.14 3.67
C GLY A 340 8.01 -10.62 5.07
N THR A 341 7.88 -11.93 5.30
CA THR A 341 8.04 -12.48 6.63
C THR A 341 9.44 -12.79 7.21
N ALA A 342 10.58 -12.72 6.51
CA ALA A 342 11.93 -13.06 7.04
C ALA A 342 12.23 -14.26 7.97
N PRO A 343 11.91 -15.55 7.74
CA PRO A 343 12.03 -16.60 8.76
C PRO A 343 13.44 -16.79 9.32
N LYS A 344 14.51 -16.41 8.59
CA LYS A 344 15.85 -16.51 9.18
C LYS A 344 15.96 -15.55 10.35
N TYR A 345 15.38 -14.35 10.31
CA TYR A 345 15.51 -13.42 11.44
C TYR A 345 14.38 -13.40 12.47
N ALA A 346 13.34 -14.15 12.19
CA ALA A 346 12.14 -14.08 12.97
C ALA A 346 12.30 -14.65 14.38
N GLY A 347 11.77 -14.00 15.42
CA GLY A 347 11.98 -14.43 16.81
C GLY A 347 13.30 -13.88 17.35
N GLN A 348 14.18 -13.41 16.49
CA GLN A 348 15.45 -12.86 16.89
C GLN A 348 15.25 -11.41 17.28
N ASP A 349 14.06 -10.79 17.08
CA ASP A 349 13.80 -9.39 17.47
C ASP A 349 14.83 -8.41 16.95
N LYS A 350 15.30 -8.62 15.74
CA LYS A 350 16.26 -7.70 15.17
C LYS A 350 15.72 -6.92 14.01
N VAL A 351 14.47 -7.08 13.59
CA VAL A 351 14.02 -6.47 12.36
C VAL A 351 13.53 -5.05 12.60
N ASN A 352 13.45 -4.36 11.47
CA ASN A 352 12.98 -2.99 11.55
C ASN A 352 11.43 -2.97 11.54
N PRO A 353 10.77 -2.45 12.56
CA PRO A 353 9.32 -2.38 12.64
C PRO A 353 8.75 -1.15 12.02
N GLY A 354 9.58 -0.20 11.53
CA GLY A 354 9.26 1.04 10.82
C GLY A 354 8.17 1.06 9.75
N SER A 355 8.10 0.11 8.86
CA SER A 355 6.99 -0.03 7.94
C SER A 355 5.66 -0.10 8.69
N ILE A 356 5.52 -1.10 9.57
CA ILE A 356 4.25 -1.38 10.21
C ILE A 356 3.85 -0.26 11.16
N ILE A 357 4.83 0.33 11.89
CA ILE A 357 4.58 1.44 12.77
C ILE A 357 4.18 2.64 11.88
N LEU A 358 4.83 2.94 10.77
CA LEU A 358 4.41 4.02 9.87
C LEU A 358 3.05 3.77 9.13
N SER A 359 2.64 2.52 9.01
CA SER A 359 1.35 2.14 8.50
C SER A 359 0.28 2.35 9.59
N ALA A 360 0.66 2.08 10.86
CA ALA A 360 -0.16 2.35 12.04
C ALA A 360 -0.32 3.86 12.06
N GLU A 361 0.71 4.66 11.73
CA GLU A 361 0.55 6.12 11.62
C GLU A 361 -0.49 6.53 10.54
N MET A 362 -0.41 5.89 9.36
CA MET A 362 -1.33 6.14 8.28
C MET A 362 -2.68 5.72 8.77
N MET A 363 -2.89 4.69 9.56
CA MET A 363 -4.24 4.39 10.03
C MET A 363 -4.84 5.43 10.96
N LEU A 364 -4.05 5.84 11.95
CA LEU A 364 -4.49 6.80 12.93
C LEU A 364 -4.92 8.08 12.26
N ARG A 365 -4.19 8.60 11.29
CA ARG A 365 -4.55 9.83 10.58
C ARG A 365 -5.88 9.62 9.84
N HIS A 366 -6.10 8.43 9.26
CA HIS A 366 -7.34 8.04 8.59
C HIS A 366 -8.58 8.00 9.46
N MET A 367 -8.40 7.45 10.68
CA MET A 367 -9.38 7.42 11.76
C MET A 367 -9.69 8.82 12.26
N GLY A 368 -8.84 9.79 11.91
CA GLY A 368 -9.01 11.18 12.27
C GLY A 368 -8.18 11.54 13.46
N TRP A 369 -7.58 10.62 14.18
CA TRP A 369 -6.72 10.88 15.30
C TRP A 369 -5.34 11.50 14.89
N THR A 370 -5.37 12.70 14.28
CA THR A 370 -4.26 13.48 13.76
C THR A 370 -3.11 13.68 14.72
N GLU A 371 -3.45 13.99 15.97
CA GLU A 371 -2.47 14.34 16.97
C GLU A 371 -1.67 13.09 17.28
N ALA A 372 -2.27 11.88 17.29
CA ALA A 372 -1.57 10.65 17.66
C ALA A 372 -0.57 10.25 16.62
N ALA A 373 -1.04 10.42 15.38
CA ALA A 373 -0.33 10.05 14.17
C ALA A 373 0.90 10.89 14.00
N ASP A 374 0.70 12.19 14.29
CA ASP A 374 1.75 13.19 14.30
C ASP A 374 2.85 12.89 15.33
N LEU A 375 2.51 12.50 16.56
CA LEU A 375 3.50 12.06 17.53
C LEU A 375 4.30 10.88 17.01
N ILE A 376 3.68 9.93 16.32
CA ILE A 376 4.42 8.79 15.82
C ILE A 376 5.31 9.29 14.71
N VAL A 377 4.87 10.21 13.82
CA VAL A 377 5.79 10.75 12.81
C VAL A 377 7.00 11.45 13.48
N LYS A 378 6.90 12.07 14.67
CA LYS A 378 8.09 12.62 15.31
C LYS A 378 8.91 11.58 16.02
N GLY A 379 8.38 10.68 16.83
CA GLY A 379 9.19 9.61 17.40
C GLY A 379 10.13 9.00 16.34
N MET A 380 9.51 8.68 15.20
CA MET A 380 10.18 8.17 13.99
C MET A 380 11.29 9.06 13.46
N GLU A 381 11.02 10.34 13.14
CA GLU A 381 12.05 11.29 12.73
C GLU A 381 13.16 11.47 13.78
N GLY A 382 12.80 11.54 15.08
CA GLY A 382 13.74 11.70 16.18
C GLY A 382 14.77 10.59 16.38
N ALA A 383 14.24 9.36 16.53
CA ALA A 383 15.01 8.13 16.68
C ALA A 383 15.95 7.93 15.52
N ILE A 384 15.46 8.07 14.29
CA ILE A 384 16.34 7.89 13.17
C ILE A 384 17.25 9.09 13.18
N ASN A 385 16.90 10.39 13.24
CA ASN A 385 18.04 11.33 13.24
C ASN A 385 18.75 11.39 14.55
N ALA A 386 18.43 10.56 15.53
CA ALA A 386 19.24 10.46 16.73
C ALA A 386 20.25 9.32 16.62
N LYS A 387 20.41 8.77 15.39
CA LYS A 387 21.20 7.59 15.03
C LYS A 387 21.05 6.40 16.00
N THR A 388 19.88 6.17 16.61
CA THR A 388 19.69 5.09 17.60
C THR A 388 18.74 4.09 17.01
N VAL A 389 19.38 3.21 16.25
CA VAL A 389 18.68 2.49 15.23
C VAL A 389 18.83 0.97 15.21
N THR A 390 18.42 0.32 14.14
CA THR A 390 18.32 -1.14 14.02
C THR A 390 19.26 -1.65 12.93
N TYR A 391 19.75 -2.90 12.99
CA TYR A 391 20.82 -3.42 12.13
C TYR A 391 20.83 -3.02 10.66
N ASP A 392 19.72 -2.80 9.95
CA ASP A 392 19.75 -2.45 8.54
C ASP A 392 20.21 -1.06 8.15
N PHE A 393 19.99 -0.13 9.09
CA PHE A 393 20.41 1.24 8.86
C PHE A 393 21.83 1.33 9.41
N GLU A 394 21.96 0.81 10.65
CA GLU A 394 23.22 0.80 11.41
C GLU A 394 24.41 0.23 10.62
N ARG A 395 24.30 -0.98 10.03
CA ARG A 395 25.33 -1.58 9.17
C ARG A 395 25.85 -0.62 8.06
N LEU A 396 25.10 0.47 7.76
CA LEU A 396 25.42 1.47 6.76
C LEU A 396 25.48 2.86 7.40
N MET A 397 25.45 3.01 8.72
CA MET A 397 25.34 4.32 9.32
C MET A 397 26.45 4.49 10.33
N ASP A 398 27.34 5.43 10.10
CA ASP A 398 28.49 5.62 10.96
C ASP A 398 28.16 6.26 12.29
N GLY A 399 28.61 5.44 13.22
CA GLY A 399 28.50 5.72 14.62
C GLY A 399 27.04 5.60 15.03
N ALA A 400 26.28 4.64 14.51
CA ALA A 400 24.90 4.47 14.96
C ALA A 400 24.90 3.60 16.21
N LYS A 401 23.90 3.66 17.07
CA LYS A 401 23.80 2.78 18.22
C LYS A 401 22.88 1.70 17.65
N LEU A 402 23.12 0.45 17.98
CA LEU A 402 22.32 -0.69 17.54
C LEU A 402 21.30 -1.17 18.58
N LEU A 403 20.03 -1.06 18.21
CA LEU A 403 18.93 -1.39 19.07
C LEU A 403 18.20 -2.50 18.35
N LYS A 404 17.65 -3.33 19.23
CA LYS A 404 16.82 -4.43 18.80
C LYS A 404 15.48 -3.86 18.38
N CYS A 405 14.65 -4.59 17.63
CA CYS A 405 13.33 -4.11 17.15
C CYS A 405 12.51 -3.42 18.23
N SER A 406 12.37 -4.12 19.35
CA SER A 406 11.72 -3.64 20.57
C SER A 406 12.32 -2.31 21.07
N GLU A 407 13.65 -2.36 21.24
CA GLU A 407 14.47 -1.23 21.62
C GLU A 407 14.31 -0.07 20.66
N PHE A 408 14.09 -0.31 19.37
CA PHE A 408 13.80 0.78 18.48
C PHE A 408 12.34 1.21 18.69
N GLY A 409 11.33 0.35 18.99
CA GLY A 409 9.99 0.81 19.30
C GLY A 409 10.09 1.82 20.46
N ASP A 410 10.91 1.42 21.45
CA ASP A 410 11.20 2.22 22.63
C ASP A 410 11.79 3.58 22.39
N ALA A 411 12.73 3.57 21.48
CA ALA A 411 13.36 4.78 21.11
C ALA A 411 12.35 5.65 20.35
N ILE A 412 11.33 5.18 19.60
CA ILE A 412 10.38 6.09 18.94
C ILE A 412 9.53 6.75 20.01
N ILE A 413 9.04 5.98 20.99
CA ILE A 413 8.25 6.54 22.09
C ILE A 413 8.97 7.68 22.80
N GLU A 414 10.24 7.46 23.17
CA GLU A 414 10.97 8.46 23.92
C GLU A 414 11.28 9.70 23.10
N ASN A 415 11.04 9.59 21.82
CA ASN A 415 11.27 10.70 20.96
C ASN A 415 9.98 11.42 20.57
N MET A 416 8.86 11.11 21.22
CA MET A 416 7.54 11.64 20.90
C MET A 416 7.15 12.99 21.48
#